data_2VEM
#
_entry.id   2VEM
#
_cell.length_a   45.800
_cell.length_b   86.900
_cell.length_c   56.400
_cell.angle_alpha   90.00
_cell.angle_beta   97.20
_cell.angle_gamma   90.00
#
_symmetry.space_group_name_H-M   'P 1 21 1'
#
loop_
_entity.id
_entity.type
_entity.pdbx_description
1 polymer 'GLYCOSOMAL TRIOSEPHOSPHATE ISOMERASE'
2 non-polymer '(3-bromo-2-oxo-propoxy)phosphonic acid'
3 non-polymer 'TERTIARY-BUTYL ALCOHOL'
4 water water
#
_entity_poly.entity_id   1
_entity_poly.type   'polypeptide(L)'
_entity_poly.pdbx_seq_one_letter_code
;SKPQPIAAANWKSGSPDSLSELIDLFNSTSINHDVQCVVASTFVHLAMTKERLSHPKFVIAAQNAGNADALASLKDFGVN
WIVLGHSERRWYYGETNEIVADKVAAAVASGFMVIACIGETLQERESGRTAVVVLTQIAAIAKKLKKADWAKVVIAYEPV
WAIGTGKVATPQQAQEAHALIRSWVSSKIGADVAGELRILYGGSVNGKNARTLYQQRDVNGFLAGLKPEFVDIIKATQ
;
_entity_poly.pdbx_strand_id   A,B
#
loop_
_chem_comp.id
_chem_comp.type
_chem_comp.name
_chem_comp.formula
BBR non-polymer '(3-bromo-2-oxo-propoxy)phosphonic acid' 'C3 H6 Br O5 P'
TBU non-polymer 'TERTIARY-BUTYL ALCOHOL' 'C4 H10 O'
#
# COMPACT_ATOMS: atom_id res chain seq x y z
N SER A 1 0.43 16.84 -5.44
CA SER A 1 1.75 17.52 -5.26
C SER A 1 2.95 16.53 -5.29
N LYS A 2 3.15 15.81 -4.19
CA LYS A 2 4.16 14.74 -4.14
C LYS A 2 3.42 13.40 -4.06
N PRO A 3 4.00 12.34 -4.67
CA PRO A 3 3.35 11.03 -4.52
C PRO A 3 3.58 10.51 -3.10
N GLN A 4 2.95 9.39 -2.74
CA GLN A 4 3.10 8.81 -1.41
C GLN A 4 4.58 8.66 -1.04
N PRO A 5 5.02 9.23 0.12
CA PRO A 5 6.39 9.00 0.57
C PRO A 5 6.67 7.53 0.95
N ILE A 6 7.96 7.16 0.94
CA ILE A 6 8.45 5.88 1.47
C ILE A 6 9.54 6.16 2.53
N ALA A 7 9.49 5.37 3.62
CA ALA A 7 10.58 5.31 4.58
C ALA A 7 11.03 3.84 4.64
N ALA A 8 12.25 3.57 4.17
CA ALA A 8 12.75 2.22 4.06
C ALA A 8 13.94 2.04 4.99
N ALA A 9 13.91 0.99 5.81
CA ALA A 9 15.01 0.68 6.69
C ALA A 9 15.75 -0.52 6.13
N ASN A 10 17.03 -0.34 5.90
CA ASN A 10 17.90 -1.35 5.32
C ASN A 10 18.66 -1.99 6.44
N TRP A 11 18.31 -3.23 6.73
CA TRP A 11 19.07 -3.98 7.71
C TRP A 11 20.17 -4.72 6.97
N LYS A 12 21.36 -4.12 7.02
CA LYS A 12 22.55 -4.62 6.32
C LYS A 12 23.40 -5.55 7.22
N SER A 13 23.48 -5.22 8.51
CA SER A 13 24.15 -6.07 9.51
C SER A 13 23.86 -5.61 10.95
N SER A 18 18.45 -7.37 19.35
CA SER A 18 17.86 -6.04 19.44
C SER A 18 16.86 -5.75 18.31
N LEU A 19 16.67 -6.70 17.40
CA LEU A 19 15.71 -6.54 16.32
C LEU A 19 14.26 -6.55 16.85
N SER A 20 14.01 -7.41 17.84
CA SER A 20 12.69 -7.68 18.39
C SER A 20 12.11 -6.49 19.18
N GLU A 21 12.95 -5.87 20.03
CA GLU A 21 12.63 -4.60 20.71
C GLU A 21 12.26 -3.53 19.70
N LEU A 22 12.97 -3.55 18.59
CA LEU A 22 12.86 -2.57 17.54
C LEU A 22 11.55 -2.76 16.78
N ILE A 23 11.28 -4.01 16.40
CA ILE A 23 9.97 -4.38 15.82
C ILE A 23 8.79 -4.06 16.78
N ASP A 24 8.98 -4.35 18.06
CA ASP A 24 8.02 -3.92 19.09
C ASP A 24 7.75 -2.44 18.96
N LEU A 25 8.82 -1.65 18.86
CA LEU A 25 8.71 -0.21 18.67
C LEU A 25 7.91 0.16 17.41
N PHE A 26 8.13 -0.54 16.31
CA PHE A 26 7.45 -0.18 15.04
C PHE A 26 5.96 -0.53 15.09
N ASN A 27 5.64 -1.73 15.60
CA ASN A 27 4.26 -2.20 15.84
C ASN A 27 3.41 -1.29 16.73
N SER A 28 4.04 -0.65 17.72
CA SER A 28 3.35 0.23 18.67
C SER A 28 3.28 1.70 18.22
N THR A 29 3.94 2.04 17.12
CA THR A 29 3.96 3.43 16.68
C THR A 29 2.76 3.75 15.77
N SER A 30 1.92 4.68 16.20
CA SER A 30 0.90 5.29 15.35
C SER A 30 1.56 6.18 14.32
N ILE A 31 1.30 5.87 13.06
CA ILE A 31 1.76 6.71 11.95
C ILE A 31 0.50 7.35 11.36
N ASN A 32 0.42 8.66 11.53
CA ASN A 32 -0.79 9.45 11.28
C ASN A 32 -0.82 10.23 9.96
N HIS A 33 -0.02 9.80 8.98
CA HIS A 33 -0.07 10.34 7.61
C HIS A 33 0.16 9.18 6.62
N ASP A 34 -0.10 9.38 5.33
CA ASP A 34 0.09 8.33 4.32
C ASP A 34 1.56 8.17 3.90
N VAL A 35 2.13 7.00 4.16
CA VAL A 35 3.55 6.70 3.88
C VAL A 35 3.71 5.18 3.84
N GLN A 36 4.49 4.68 2.88
CA GLN A 36 4.80 3.28 2.82
C GLN A 36 6.08 3.03 3.58
N CYS A 37 6.02 2.26 4.67
CA CYS A 37 7.24 1.89 5.38
C CYS A 37 7.70 0.54 4.88
N VAL A 38 9.02 0.33 4.88
CA VAL A 38 9.65 -0.89 4.36
C VAL A 38 10.78 -1.29 5.28
N VAL A 39 10.82 -2.56 5.67
CA VAL A 39 11.96 -3.11 6.40
C VAL A 39 12.59 -4.16 5.51
N ALA A 40 13.76 -3.82 4.95
CA ALA A 40 14.51 -4.74 4.12
C ALA A 40 15.48 -5.56 4.96
N SER A 41 15.42 -6.88 4.80
CA SER A 41 16.29 -7.73 5.59
C SER A 41 17.01 -8.77 4.75
N THR A 42 18.02 -9.39 5.36
CA THR A 42 18.79 -10.49 4.76
C THR A 42 17.95 -11.76 4.84
N PHE A 43 18.31 -12.75 4.01
CA PHE A 43 17.60 -14.02 3.94
C PHE A 43 17.34 -14.58 5.34
N VAL A 44 18.42 -14.81 6.09
CA VAL A 44 18.34 -15.42 7.42
C VAL A 44 17.40 -14.66 8.40
N HIS A 45 17.29 -13.34 8.24
CA HIS A 45 16.49 -12.51 9.15
C HIS A 45 15.09 -12.22 8.62
N LEU A 46 14.79 -12.76 7.43
CA LEU A 46 13.53 -12.49 6.73
C LEU A 46 12.29 -13.09 7.38
N ALA A 47 12.38 -14.37 7.77
CA ALA A 47 11.23 -15.07 8.38
C ALA A 47 10.89 -14.56 9.78
N MET A 48 11.91 -14.18 10.55
CA MET A 48 11.71 -13.48 11.82
C MET A 48 11.02 -12.11 11.63
N THR A 49 11.54 -11.27 10.75
CA THR A 49 10.90 -9.97 10.50
C THR A 49 9.44 -10.16 10.09
N LYS A 50 9.22 -11.07 9.14
CA LYS A 50 7.88 -11.43 8.67
C LYS A 50 6.96 -12.00 9.78
N GLU A 51 7.53 -12.60 10.82
CA GLU A 51 6.69 -13.19 11.86
C GLU A 51 6.31 -12.16 12.92
N ARG A 52 7.23 -11.23 13.18
CA ARG A 52 7.07 -10.28 14.28
C ARG A 52 6.48 -8.91 13.88
N LEU A 53 6.73 -8.50 12.65
CA LEU A 53 6.27 -7.21 12.13
C LEU A 53 4.81 -7.32 11.62
N SER A 54 3.90 -6.58 12.25
CA SER A 54 2.47 -6.64 11.91
C SER A 54 1.81 -5.30 11.64
N HIS A 55 2.58 -4.21 11.75
CA HIS A 55 2.08 -2.86 11.45
C HIS A 55 1.66 -2.81 9.94
N PRO A 56 0.37 -2.56 9.68
CA PRO A 56 -0.10 -2.66 8.31
C PRO A 56 0.47 -1.63 7.35
N LYS A 57 1.10 -0.57 7.87
CA LYS A 57 1.80 0.43 7.00
C LYS A 57 3.20 0.02 6.59
N PHE A 58 3.63 -1.13 7.10
CA PHE A 58 4.93 -1.70 6.82
C PHE A 58 4.81 -2.89 5.85
N VAL A 59 5.82 -3.04 5.02
CA VAL A 59 6.00 -4.23 4.23
C VAL A 59 7.45 -4.70 4.42
N ILE A 60 7.67 -5.99 4.26
CA ILE A 60 8.99 -6.55 4.27
C ILE A 60 9.56 -6.52 2.85
N ALA A 61 10.86 -6.24 2.75
CA ALA A 61 11.63 -6.33 1.52
C ALA A 61 12.81 -7.32 1.66
N ALA A 62 13.11 -8.05 0.58
CA ALA A 62 14.34 -8.82 0.46
C ALA A 62 15.43 -7.91 -0.06
N GLN A 63 16.65 -8.43 -0.12
CA GLN A 63 17.81 -7.71 -0.65
C GLN A 63 18.55 -8.55 -1.69
N ASN A 64 18.94 -7.93 -2.79
CA ASN A 64 19.95 -8.46 -3.77
C ASN A 64 19.72 -9.77 -4.55
N ALA A 65 18.53 -10.37 -4.45
CA ALA A 65 18.28 -11.62 -5.15
C ALA A 65 18.36 -11.42 -6.64
N GLY A 66 18.94 -12.43 -7.31
CA GLY A 66 19.21 -12.39 -8.75
C GLY A 66 18.78 -13.63 -9.51
N ASN A 67 18.26 -14.63 -8.81
CA ASN A 67 17.80 -15.86 -9.43
C ASN A 67 16.27 -15.90 -9.50
N ALA A 68 15.71 -16.25 -10.65
CA ALA A 68 14.25 -16.29 -10.84
C ALA A 68 13.57 -17.27 -9.89
N ASP A 69 14.20 -18.42 -9.63
CA ASP A 69 13.61 -19.39 -8.72
C ASP A 69 13.59 -18.83 -7.31
N ALA A 70 14.59 -18.03 -7.03
CA ALA A 70 14.74 -17.41 -5.74
C ALA A 70 13.73 -16.26 -5.59
N LEU A 71 13.47 -15.57 -6.69
CA LEU A 71 12.40 -14.56 -6.74
C LEU A 71 11.06 -15.23 -6.48
N ALA A 72 10.81 -16.33 -7.18
CA ALA A 72 9.59 -17.12 -7.01
C ALA A 72 9.28 -17.56 -5.56
N SER A 73 10.28 -18.04 -4.83
CA SER A 73 10.08 -18.43 -3.43
C SER A 73 9.71 -17.25 -2.53
N LEU A 74 10.38 -16.12 -2.75
CA LEU A 74 10.15 -14.87 -1.99
C LEU A 74 8.71 -14.39 -2.14
N LYS A 75 8.26 -14.32 -3.40
CA LYS A 75 6.84 -14.07 -3.72
C LYS A 75 5.97 -15.02 -2.95
N ASP A 76 6.19 -16.32 -3.17
CA ASP A 76 5.47 -17.42 -2.49
C ASP A 76 5.36 -17.22 -0.97
N PHE A 77 6.45 -16.74 -0.38
CA PHE A 77 6.54 -16.49 1.06
C PHE A 77 5.84 -15.18 1.47
N GLY A 78 5.42 -14.39 0.47
CA GLY A 78 4.70 -13.14 0.72
C GLY A 78 5.61 -11.94 0.86
N VAL A 79 6.75 -11.97 0.16
CA VAL A 79 7.66 -10.81 0.07
C VAL A 79 7.50 -10.21 -1.32
N ASN A 80 7.14 -8.93 -1.40
CA ASN A 80 6.76 -8.32 -2.67
C ASN A 80 7.59 -7.11 -3.02
N TRP A 81 8.53 -6.77 -2.15
CA TRP A 81 9.46 -5.63 -2.31
C TRP A 81 10.90 -6.16 -2.27
N ILE A 82 11.78 -5.49 -2.98
CA ILE A 82 13.19 -5.86 -2.99
C ILE A 82 14.07 -4.61 -3.10
N VAL A 83 15.21 -4.63 -2.41
CA VAL A 83 16.16 -3.55 -2.52
C VAL A 83 17.35 -4.05 -3.34
N LEU A 84 17.75 -3.28 -4.34
CA LEU A 84 18.80 -3.68 -5.26
C LEU A 84 19.78 -2.56 -5.51
N GLY A 85 21.01 -2.93 -5.86
CA GLY A 85 22.01 -1.99 -6.35
C GLY A 85 22.66 -1.13 -5.29
N HIS A 86 22.37 -1.40 -4.01
CA HIS A 86 22.96 -0.68 -2.89
C HIS A 86 24.47 -0.72 -3.07
N SER A 87 25.13 0.33 -2.58
CA SER A 87 26.55 0.61 -2.84
C SER A 87 27.52 -0.56 -2.76
N GLU A 88 27.51 -1.29 -1.66
CA GLU A 88 28.49 -2.37 -1.47
C GLU A 88 28.34 -3.43 -2.54
N ARG A 89 27.13 -3.55 -3.11
CA ARG A 89 26.87 -4.47 -4.21
C ARG A 89 27.74 -4.11 -5.42
N ARG A 90 27.90 -2.81 -5.63
CA ARG A 90 28.68 -2.33 -6.75
C ARG A 90 30.17 -2.26 -6.45
N TRP A 91 30.55 -1.58 -5.37
CA TRP A 91 31.99 -1.36 -5.08
C TRP A 91 32.76 -2.52 -4.42
N TYR A 92 32.07 -3.43 -3.73
CA TYR A 92 32.74 -4.62 -3.15
C TYR A 92 32.47 -5.84 -4.00
N TYR A 93 31.19 -6.16 -4.17
CA TYR A 93 30.75 -7.41 -4.80
C TYR A 93 30.83 -7.46 -6.34
N GLY A 94 31.01 -6.31 -7.00
CA GLY A 94 31.20 -6.28 -8.44
C GLY A 94 29.95 -6.30 -9.33
N GLU A 95 28.79 -6.02 -8.74
CA GLU A 95 27.59 -5.76 -9.55
C GLU A 95 27.75 -4.51 -10.43
N THR A 96 27.80 -4.72 -11.75
CA THR A 96 27.89 -3.62 -12.74
C THR A 96 26.53 -2.91 -12.91
N ASN A 97 26.49 -1.83 -13.70
CA ASN A 97 25.22 -1.14 -13.98
C ASN A 97 24.18 -2.08 -14.56
N GLU A 98 24.63 -2.90 -15.53
CA GLU A 98 23.88 -3.92 -16.26
C GLU A 98 23.39 -5.07 -15.39
N ILE A 99 24.29 -5.71 -14.65
CA ILE A 99 23.92 -6.68 -13.61
C ILE A 99 22.79 -6.16 -12.70
N VAL A 100 22.89 -4.91 -12.24
CA VAL A 100 21.84 -4.32 -11.37
C VAL A 100 20.54 -4.14 -12.16
N ALA A 101 20.67 -3.72 -13.41
CA ALA A 101 19.53 -3.53 -14.29
C ALA A 101 18.80 -4.84 -14.66
N ASP A 102 19.56 -5.92 -14.87
CA ASP A 102 18.97 -7.25 -15.07
C ASP A 102 18.23 -7.74 -13.84
N LYS A 103 18.78 -7.45 -12.65
CA LYS A 103 18.15 -7.81 -11.36
C LYS A 103 16.86 -7.04 -11.09
N VAL A 104 16.87 -5.74 -11.39
CA VAL A 104 15.68 -4.89 -11.36
C VAL A 104 14.62 -5.38 -12.35
N ALA A 105 15.02 -5.64 -13.59
CA ALA A 105 14.10 -6.12 -14.63
C ALA A 105 13.49 -7.49 -14.24
N ALA A 106 14.31 -8.38 -13.67
CA ALA A 106 13.86 -9.73 -13.28
C ALA A 106 12.83 -9.66 -12.17
N ALA A 107 13.08 -8.78 -11.20
CA ALA A 107 12.26 -8.61 -10.02
C ALA A 107 10.92 -7.99 -10.40
N VAL A 108 10.94 -6.98 -11.29
CA VAL A 108 9.71 -6.42 -11.86
C VAL A 108 8.95 -7.52 -12.60
N ALA A 109 9.61 -8.28 -13.47
CA ALA A 109 8.89 -9.35 -14.17
C ALA A 109 8.29 -10.38 -13.21
N SER A 110 8.94 -10.59 -12.05
CA SER A 110 8.43 -11.54 -11.06
C SER A 110 7.37 -10.96 -10.11
N GLY A 111 7.09 -9.67 -10.22
CA GLY A 111 5.95 -9.05 -9.54
C GLY A 111 6.31 -8.30 -8.27
N PHE A 112 7.58 -7.89 -8.18
CA PHE A 112 8.07 -7.09 -7.06
C PHE A 112 7.97 -5.57 -7.30
N MET A 113 7.74 -4.83 -6.20
CA MET A 113 8.14 -3.42 -6.09
C MET A 113 9.65 -3.33 -5.88
N VAL A 114 10.35 -2.49 -6.66
CA VAL A 114 11.79 -2.43 -6.57
C VAL A 114 12.31 -1.09 -6.08
N ILE A 115 13.09 -1.08 -4.99
CA ILE A 115 13.89 0.08 -4.68
C ILE A 115 15.29 -0.12 -5.27
N ALA A 116 15.60 0.65 -6.32
CA ALA A 116 16.87 0.58 -7.02
C ALA A 116 17.77 1.75 -6.59
N CYS A 117 18.95 1.38 -6.07
CA CYS A 117 19.87 2.33 -5.48
C CYS A 117 20.88 2.76 -6.51
N ILE A 118 21.11 4.07 -6.58
CA ILE A 118 22.13 4.65 -7.47
C ILE A 118 22.85 5.76 -6.70
N GLY A 119 24.03 6.16 -7.14
CA GLY A 119 24.81 7.15 -6.42
C GLY A 119 26.26 7.10 -6.83
N GLU A 120 26.94 8.23 -6.71
CA GLU A 120 28.33 8.35 -7.16
C GLU A 120 29.27 8.26 -5.97
N THR A 121 30.55 8.01 -6.23
CA THR A 121 31.54 7.94 -5.16
C THR A 121 32.12 9.31 -4.85
N LEU A 122 32.94 9.39 -3.80
CA LEU A 122 33.68 10.62 -3.46
C LEU A 122 34.44 11.24 -4.64
N GLN A 123 35.26 10.43 -5.33
CA GLN A 123 36.05 10.90 -6.47
C GLN A 123 35.16 11.47 -7.55
N GLU A 124 34.16 10.68 -7.96
CA GLU A 124 33.19 11.10 -8.98
C GLU A 124 32.52 12.43 -8.62
N ARG A 125 32.13 12.58 -7.38
CA ARG A 125 31.55 13.84 -6.90
C ARG A 125 32.51 15.03 -7.10
N GLU A 126 33.78 14.86 -6.70
CA GLU A 126 34.75 15.96 -6.64
C GLU A 126 35.22 16.42 -8.02
N SER A 127 35.26 15.48 -8.95
CA SER A 127 35.68 15.71 -10.33
C SER A 127 34.52 16.15 -11.25
N GLY A 128 33.40 16.52 -10.65
CA GLY A 128 32.21 17.00 -11.35
C GLY A 128 31.47 16.00 -12.23
N ARG A 129 31.59 14.71 -11.91
CA ARG A 129 30.96 13.64 -12.69
C ARG A 129 29.75 12.99 -11.98
N THR A 130 29.19 13.67 -10.99
CA THR A 130 27.94 13.20 -10.36
C THR A 130 26.86 12.90 -11.41
N ALA A 131 26.59 13.88 -12.28
CA ALA A 131 25.46 13.79 -13.20
C ALA A 131 25.60 12.61 -14.18
N VAL A 132 26.74 12.55 -14.88
CA VAL A 132 27.04 11.45 -15.83
C VAL A 132 27.06 10.07 -15.17
N VAL A 133 27.66 9.97 -13.97
CA VAL A 133 27.67 8.71 -13.21
C VAL A 133 26.25 8.27 -12.87
N VAL A 134 25.49 9.16 -12.21
CA VAL A 134 24.15 8.84 -11.72
C VAL A 134 23.15 8.56 -12.86
N LEU A 135 23.26 9.32 -13.93
CA LEU A 135 22.36 9.12 -15.07
C LEU A 135 22.73 7.91 -15.92
N THR A 136 23.98 7.47 -15.87
CA THR A 136 24.40 6.24 -16.53
C THR A 136 23.92 4.99 -15.75
N GLN A 137 24.12 5.00 -14.45
CA GLN A 137 23.55 3.98 -13.57
C GLN A 137 22.07 3.68 -13.85
N ILE A 138 21.27 4.74 -14.02
CA ILE A 138 19.81 4.62 -14.16
C ILE A 138 19.31 4.41 -15.60
N ALA A 139 20.05 4.95 -16.58
CA ALA A 139 19.84 4.63 -17.98
C ALA A 139 20.06 3.14 -18.26
N ALA A 140 21.01 2.52 -17.55
CA ALA A 140 21.20 1.06 -17.59
C ALA A 140 19.94 0.32 -17.13
N ILE A 141 19.34 0.82 -16.06
CA ILE A 141 18.09 0.26 -15.53
C ILE A 141 16.90 0.43 -16.48
N ALA A 142 16.73 1.65 -17.00
CA ALA A 142 15.65 1.98 -17.93
C ALA A 142 15.75 1.26 -19.30
N LYS A 143 16.96 0.85 -19.68
CA LYS A 143 17.15 0.06 -20.90
C LYS A 143 16.48 -1.32 -20.82
N LYS A 144 16.28 -1.82 -19.60
CA LYS A 144 15.71 -3.16 -19.41
C LYS A 144 14.24 -3.16 -18.99
N LEU A 145 13.57 -2.01 -19.05
CA LEU A 145 12.22 -1.81 -18.51
C LEU A 145 11.34 -1.08 -19.51
N LYS A 146 10.03 -1.26 -19.37
CA LYS A 146 9.04 -0.58 -20.23
C LYS A 146 8.39 0.53 -19.44
N LYS A 147 7.77 1.48 -20.13
CA LYS A 147 7.14 2.58 -19.44
C LYS A 147 6.29 2.07 -18.27
N ALA A 148 5.44 1.07 -18.56
CA ALA A 148 4.51 0.53 -17.59
C ALA A 148 5.18 0.04 -16.30
N ASP A 149 6.43 -0.38 -16.43
CA ASP A 149 7.18 -0.98 -15.36
C ASP A 149 7.50 -0.03 -14.22
N TRP A 150 7.46 1.27 -14.50
CA TRP A 150 7.94 2.29 -13.55
C TRP A 150 7.03 2.49 -12.37
N ALA A 151 5.79 2.05 -12.53
CA ALA A 151 4.85 1.98 -11.43
C ALA A 151 5.35 1.01 -10.34
N LYS A 152 6.23 0.06 -10.68
CA LYS A 152 6.77 -0.89 -9.72
C LYS A 152 8.20 -0.53 -9.21
N VAL A 153 8.69 0.63 -9.68
CA VAL A 153 10.08 1.09 -9.45
C VAL A 153 10.14 2.30 -8.53
N VAL A 154 11.12 2.26 -7.62
CA VAL A 154 11.41 3.34 -6.70
C VAL A 154 12.92 3.56 -6.82
N ILE A 155 13.33 4.83 -6.89
CA ILE A 155 14.76 5.15 -6.98
C ILE A 155 15.24 5.72 -5.65
N ALA A 156 16.34 5.16 -5.14
CA ALA A 156 17.03 5.74 -4.00
C ALA A 156 18.36 6.36 -4.43
N TYR A 157 18.48 7.68 -4.28
CA TYR A 157 19.76 8.35 -4.54
C TYR A 157 20.61 8.21 -3.28
N GLU A 158 21.67 7.44 -3.37
CA GLU A 158 22.54 7.20 -2.22
C GLU A 158 23.99 7.51 -2.53
N PRO A 159 24.48 8.70 -2.11
CA PRO A 159 25.88 9.05 -2.39
C PRO A 159 26.77 8.17 -1.53
N VAL A 160 27.73 7.47 -2.15
CA VAL A 160 28.55 6.51 -1.43
C VAL A 160 29.34 7.17 -0.29
N TRP A 161 29.75 8.41 -0.49
CA TRP A 161 30.47 9.19 0.52
C TRP A 161 29.57 9.59 1.70
N ALA A 162 28.26 9.46 1.52
CA ALA A 162 27.28 9.75 2.58
C ALA A 162 26.79 8.50 3.33
N ILE A 163 27.04 7.33 2.74
CA ILE A 163 26.68 6.07 3.39
C ILE A 163 27.61 5.77 4.58
N GLY A 164 27.03 5.79 5.79
CA GLY A 164 27.69 5.35 7.01
C GLY A 164 28.94 6.10 7.43
N THR A 165 29.18 7.24 6.78
CA THR A 165 30.39 8.03 7.01
C THR A 165 30.16 9.18 8.00
N GLY A 166 28.89 9.48 8.28
CA GLY A 166 28.52 10.61 9.15
C GLY A 166 28.36 11.90 8.35
N LYS A 167 28.57 11.80 7.04
CA LYS A 167 28.45 12.93 6.13
C LYS A 167 27.14 12.84 5.41
N VAL A 168 26.21 13.74 5.73
CA VAL A 168 24.94 13.80 5.00
C VAL A 168 25.04 14.82 3.85
N ALA A 169 24.41 14.51 2.71
CA ALA A 169 24.14 15.55 1.71
C ALA A 169 23.39 16.70 2.39
N THR A 170 23.83 17.93 2.19
CA THR A 170 23.01 19.08 2.57
C THR A 170 21.67 18.97 1.84
N PRO A 171 20.63 19.67 2.33
CA PRO A 171 19.37 19.67 1.55
C PRO A 171 19.55 20.10 0.09
N GLN A 172 20.45 21.06 -0.15
CA GLN A 172 20.78 21.59 -1.48
C GLN A 172 21.32 20.52 -2.43
N GLN A 173 22.31 19.77 -1.94
CA GLN A 173 22.93 18.68 -2.68
C GLN A 173 21.97 17.51 -2.97
N ALA A 174 21.16 17.12 -1.98
CA ALA A 174 20.16 16.05 -2.17
C ALA A 174 19.15 16.47 -3.23
N GLN A 175 18.71 17.73 -3.14
CA GLN A 175 17.71 18.30 -4.05
C GLN A 175 18.20 18.40 -5.49
N GLU A 176 19.42 18.88 -5.66
CA GLU A 176 20.04 18.96 -6.96
C GLU A 176 20.11 17.58 -7.61
N ALA A 177 20.60 16.60 -6.85
CA ALA A 177 20.67 15.24 -7.33
C ALA A 177 19.30 14.70 -7.72
N HIS A 178 18.30 14.86 -6.85
CA HIS A 178 16.95 14.34 -7.12
C HIS A 178 16.32 15.02 -8.34
N ALA A 179 16.45 16.34 -8.41
CA ALA A 179 15.98 17.12 -9.55
C ALA A 179 16.55 16.65 -10.87
N LEU A 180 17.86 16.35 -10.89
CA LEU A 180 18.57 15.86 -12.08
C LEU A 180 18.04 14.48 -12.52
N ILE A 181 17.90 13.54 -11.58
CA ILE A 181 17.27 12.25 -11.85
C ILE A 181 15.86 12.42 -12.44
N ARG A 182 15.00 13.17 -11.76
CA ARG A 182 13.61 13.37 -12.20
C ARG A 182 13.50 14.04 -13.57
N SER A 183 14.33 15.05 -13.80
CA SER A 183 14.41 15.75 -15.09
C SER A 183 14.90 14.81 -16.23
N TRP A 184 15.84 13.91 -15.93
CA TRP A 184 16.15 12.80 -16.83
C TRP A 184 14.98 11.84 -17.10
N VAL A 185 14.22 11.45 -16.06
CA VAL A 185 13.08 10.56 -16.23
C VAL A 185 11.95 11.22 -17.04
N SER A 186 11.66 12.48 -16.71
CA SER A 186 10.68 13.27 -17.44
C SER A 186 11.05 13.36 -18.91
N SER A 187 12.34 13.53 -19.21
CA SER A 187 12.80 13.62 -20.58
C SER A 187 12.77 12.33 -21.36
N LYS A 188 13.23 11.25 -20.73
CA LYS A 188 13.50 9.96 -21.37
C LYS A 188 12.36 8.96 -21.31
N ILE A 189 11.55 9.02 -20.25
CA ILE A 189 10.51 8.04 -20.01
C ILE A 189 9.11 8.65 -20.13
N GLY A 190 8.91 9.80 -19.50
CA GLY A 190 7.67 10.57 -19.61
C GLY A 190 7.46 11.45 -18.39
N ALA A 191 6.71 12.53 -18.56
CA ALA A 191 6.48 13.50 -17.50
C ALA A 191 5.47 12.97 -16.53
N ASP A 192 4.58 12.08 -17.02
CA ASP A 192 3.60 11.35 -16.17
C ASP A 192 4.30 10.42 -15.18
N VAL A 193 5.31 9.71 -15.69
CA VAL A 193 6.14 8.77 -14.95
C VAL A 193 6.99 9.50 -13.94
N ALA A 194 7.63 10.59 -14.37
CA ALA A 194 8.49 11.38 -13.48
C ALA A 194 7.69 11.92 -12.30
N GLY A 195 6.46 12.35 -12.57
CA GLY A 195 5.65 12.99 -11.54
C GLY A 195 5.27 12.03 -10.43
N GLU A 196 5.10 10.75 -10.79
CA GLU A 196 4.62 9.71 -9.89
C GLU A 196 5.80 9.00 -9.23
N LEU A 197 6.99 9.12 -9.83
CA LEU A 197 8.21 8.44 -9.32
C LEU A 197 8.65 8.89 -7.93
N ARG A 198 8.82 7.92 -7.03
CA ARG A 198 9.44 8.17 -5.73
C ARG A 198 10.95 8.13 -5.87
N ILE A 199 11.58 9.22 -5.51
CA ILE A 199 13.03 9.28 -5.38
C ILE A 199 13.34 9.53 -3.92
N LEU A 200 13.92 8.51 -3.27
CA LEU A 200 14.31 8.56 -1.87
C LEU A 200 15.78 8.98 -1.68
N TYR A 201 16.09 9.63 -0.57
CA TYR A 201 17.48 9.99 -0.29
C TYR A 201 18.05 8.97 0.69
N GLY A 202 19.27 8.51 0.45
CA GLY A 202 19.96 7.60 1.38
C GLY A 202 21.36 8.05 1.73
N GLY A 203 21.74 7.94 2.98
CA GLY A 203 23.09 8.31 3.43
C GLY A 203 23.14 9.30 4.58
N SER A 204 23.28 8.77 5.80
CA SER A 204 23.48 9.58 7.03
C SER A 204 22.24 10.37 7.44
N VAL A 205 21.08 9.78 7.18
CA VAL A 205 19.81 10.33 7.61
C VAL A 205 19.59 9.98 9.10
N ASN A 206 19.11 10.97 9.87
CA ASN A 206 18.72 10.79 11.26
C ASN A 206 17.48 11.63 11.59
N GLY A 207 16.93 11.45 12.79
CA GLY A 207 15.76 12.20 13.24
C GLY A 207 15.82 13.68 12.90
N LYS A 208 16.92 14.30 13.32
CA LYS A 208 17.25 15.72 13.13
C LYS A 208 17.06 16.17 11.68
N ASN A 209 17.92 15.65 10.79
CA ASN A 209 18.04 16.17 9.42
C ASN A 209 17.01 15.70 8.42
N ALA A 210 16.22 14.70 8.79
CA ALA A 210 15.27 14.07 7.85
C ALA A 210 14.19 15.03 7.42
N ARG A 211 13.52 15.64 8.38
CA ARG A 211 12.43 16.58 8.15
C ARG A 211 12.85 17.66 7.13
N THR A 212 13.97 18.34 7.42
CA THR A 212 14.52 19.36 6.53
C THR A 212 14.80 18.87 5.09
N LEU A 213 15.42 17.70 4.93
CA LEU A 213 15.57 17.05 3.62
C LEU A 213 14.21 16.78 2.91
N TYR A 214 13.22 16.34 3.69
CA TYR A 214 11.94 16.02 3.11
C TYR A 214 11.19 17.24 2.59
N GLN A 215 11.56 18.42 3.05
CA GLN A 215 10.92 19.66 2.59
C GLN A 215 11.33 20.02 1.17
N GLN A 216 12.40 19.40 0.69
CA GLN A 216 12.88 19.68 -0.65
C GLN A 216 11.89 19.13 -1.70
N ARG A 217 11.74 19.87 -2.80
CA ARG A 217 10.81 19.58 -3.89
C ARG A 217 10.83 18.13 -4.37
N ASP A 218 12.02 17.58 -4.53
CA ASP A 218 12.15 16.32 -5.24
C ASP A 218 12.51 15.12 -4.35
N VAL A 219 12.39 15.31 -3.04
CA VAL A 219 12.63 14.23 -2.06
C VAL A 219 11.33 13.58 -1.62
N ASN A 220 11.23 12.25 -1.80
CA ASN A 220 10.01 11.48 -1.52
C ASN A 220 10.16 10.47 -0.42
N GLY A 221 11.15 10.70 0.43
CA GLY A 221 11.41 9.78 1.53
C GLY A 221 12.87 9.35 1.60
N PHE A 222 13.10 8.27 2.33
CA PHE A 222 14.42 7.92 2.81
C PHE A 222 14.69 6.43 2.81
N LEU A 223 15.96 6.07 2.62
CA LEU A 223 16.47 4.74 2.93
C LEU A 223 17.49 4.94 4.07
N ALA A 224 17.31 4.23 5.16
CA ALA A 224 18.20 4.41 6.33
C ALA A 224 18.45 3.08 7.02
N GLY A 225 19.18 3.16 8.13
CA GLY A 225 19.49 1.98 8.96
C GLY A 225 18.27 1.50 9.70
N LEU A 226 18.26 0.20 10.01
CA LEU A 226 17.26 -0.35 10.90
C LEU A 226 17.64 -0.03 12.36
N LYS A 227 17.25 1.14 12.85
CA LYS A 227 17.56 1.57 14.23
C LYS A 227 16.33 2.28 14.85
N PRO A 228 16.32 2.50 16.20
CA PRO A 228 15.17 3.16 16.83
C PRO A 228 14.81 4.55 16.29
N GLU A 229 15.78 5.31 15.77
CA GLU A 229 15.45 6.63 15.22
C GLU A 229 14.79 6.55 13.86
N PHE A 230 14.69 5.34 13.31
CA PHE A 230 13.85 5.15 12.09
C PHE A 230 12.45 5.71 12.26
N VAL A 231 11.92 5.60 13.48
CA VAL A 231 10.62 6.16 13.83
C VAL A 231 10.58 7.66 13.54
N ASP A 232 11.63 8.38 13.95
CA ASP A 232 11.76 9.81 13.64
C ASP A 232 11.80 10.14 12.14
N ILE A 233 12.49 9.29 11.38
CA ILE A 233 12.58 9.41 9.92
C ILE A 233 11.22 9.16 9.22
N ILE A 234 10.49 8.13 9.69
CA ILE A 234 9.10 7.96 9.31
C ILE A 234 8.30 9.26 9.58
N LYS A 235 8.41 9.79 10.80
CA LYS A 235 7.70 11.03 11.19
C LYS A 235 8.02 12.23 10.31
N ALA A 236 9.26 12.28 9.82
CA ALA A 236 9.77 13.33 8.93
C ALA A 236 9.15 13.42 7.52
N THR A 237 8.36 12.41 7.12
CA THR A 237 7.90 12.30 5.73
C THR A 237 6.59 13.08 5.46
N GLN A 238 6.60 14.30 6.00
CA GLN A 238 5.53 15.29 5.90
C GLN A 238 6.20 16.66 6.06
N SER B 1 1.54 -15.41 0.81
CA SER B 1 0.69 -15.97 -0.30
C SER B 1 -0.67 -15.25 -0.49
N LYS B 2 -1.57 -15.32 0.50
CA LYS B 2 -2.72 -14.41 0.51
C LYS B 2 -2.21 -12.98 0.78
N PRO B 3 -2.78 -11.96 0.08
CA PRO B 3 -2.25 -10.62 0.35
C PRO B 3 -2.67 -10.15 1.78
N GLN B 4 -2.21 -8.96 2.18
CA GLN B 4 -2.59 -8.39 3.47
C GLN B 4 -4.12 -8.28 3.69
N PRO B 5 -4.63 -8.88 4.78
CA PRO B 5 -6.07 -8.76 4.94
C PRO B 5 -6.56 -7.38 5.38
N ILE B 6 -7.88 -7.14 5.24
CA ILE B 6 -8.52 -5.91 5.71
C ILE B 6 -9.77 -6.25 6.49
N ALA B 7 -9.92 -5.61 7.63
CA ALA B 7 -11.18 -5.62 8.34
C ALA B 7 -11.66 -4.15 8.38
N ALA B 8 -12.82 -3.91 7.79
CA ALA B 8 -13.34 -2.55 7.67
C ALA B 8 -14.69 -2.47 8.37
N ALA B 9 -14.82 -1.47 9.25
CA ALA B 9 -16.08 -1.26 9.98
C ALA B 9 -16.80 -0.06 9.39
N ASN B 10 -18.03 -0.29 8.96
CA ASN B 10 -18.84 0.73 8.31
C ASN B 10 -19.87 1.27 9.32
N TRP B 11 -19.67 2.50 9.83
CA TRP B 11 -20.64 3.15 10.70
C TRP B 11 -21.88 3.56 9.92
N LYS B 12 -23.06 3.28 10.51
CA LYS B 12 -24.35 3.70 9.94
C LYS B 12 -25.31 4.24 11.00
N SER B 13 -26.27 5.05 10.55
CA SER B 13 -27.10 5.88 11.43
C SER B 13 -28.11 5.14 12.32
N GLY B 14 -28.24 5.66 13.54
CA GLY B 14 -29.20 5.14 14.53
C GLY B 14 -28.71 3.89 15.23
N SER B 15 -27.39 3.69 15.17
CA SER B 15 -26.67 2.62 15.87
C SER B 15 -27.00 2.66 17.37
N PRO B 16 -27.25 1.51 18.01
CA PRO B 16 -27.44 1.50 19.48
C PRO B 16 -26.18 1.79 20.31
N ASP B 17 -25.00 1.71 19.69
CA ASP B 17 -23.70 1.95 20.34
C ASP B 17 -23.28 3.44 20.31
N SER B 18 -22.41 3.83 21.24
CA SER B 18 -21.75 5.14 21.19
C SER B 18 -20.53 5.01 20.27
N LEU B 19 -20.36 5.93 19.32
CA LEU B 19 -19.18 5.87 18.45
C LEU B 19 -17.89 5.95 19.28
N SER B 20 -17.87 6.84 20.25
CA SER B 20 -16.71 7.09 21.08
C SER B 20 -16.34 5.90 21.99
N GLU B 21 -17.31 5.29 22.67
CA GLU B 21 -17.09 4.03 23.40
C GLU B 21 -16.47 2.92 22.52
N LEU B 22 -16.97 2.79 21.30
CA LEU B 22 -16.47 1.80 20.37
C LEU B 22 -15.05 2.04 19.89
N ILE B 23 -14.76 3.27 19.51
CA ILE B 23 -13.41 3.72 19.21
C ILE B 23 -12.51 3.42 20.42
N ASP B 24 -12.96 3.79 21.63
CA ASP B 24 -12.27 3.45 22.89
C ASP B 24 -11.92 1.97 22.95
N LEU B 25 -12.91 1.12 22.66
CA LEU B 25 -12.69 -0.35 22.65
C LEU B 25 -11.57 -0.74 21.71
N PHE B 26 -11.67 -0.25 20.47
CA PHE B 26 -10.71 -0.54 19.41
C PHE B 26 -9.29 -0.12 19.79
N ASN B 27 -9.14 1.07 20.37
CA ASN B 27 -7.83 1.55 20.82
C ASN B 27 -7.22 0.62 21.85
N SER B 28 -8.07 0.06 22.72
CA SER B 28 -7.65 -0.85 23.79
C SER B 28 -7.38 -2.30 23.35
N THR B 29 -7.57 -2.59 22.06
CA THR B 29 -7.54 -3.96 21.58
C THR B 29 -6.13 -4.36 21.15
N SER B 30 -5.65 -5.52 21.58
CA SER B 30 -4.40 -6.06 21.08
C SER B 30 -4.66 -6.89 19.82
N ILE B 31 -3.91 -6.59 18.76
CA ILE B 31 -4.02 -7.30 17.47
C ILE B 31 -2.62 -7.72 17.05
N ASN B 32 -2.35 -9.01 16.91
CA ASN B 32 -0.96 -9.43 16.84
C ASN B 32 -0.44 -9.80 15.46
N HIS B 33 -1.31 -9.72 14.46
CA HIS B 33 -0.96 -10.02 13.06
C HIS B 33 -1.21 -8.84 12.14
N ASP B 34 -0.63 -8.93 10.94
CA ASP B 34 -0.71 -7.88 9.95
C ASP B 34 -2.10 -7.84 9.32
N VAL B 35 -2.91 -6.88 9.77
CA VAL B 35 -4.22 -6.63 9.18
C VAL B 35 -4.43 -5.12 9.14
N GLN B 36 -4.86 -4.60 7.98
CA GLN B 36 -5.27 -3.21 7.91
C GLN B 36 -6.70 -3.09 8.43
N CYS B 37 -6.85 -2.38 9.54
CA CYS B 37 -8.18 -2.07 10.05
C CYS B 37 -8.61 -0.69 9.63
N VAL B 38 -9.87 -0.60 9.26
CA VAL B 38 -10.47 0.63 8.72
C VAL B 38 -11.77 0.92 9.48
N VAL B 39 -11.89 2.15 9.96
CA VAL B 39 -13.17 2.62 10.49
C VAL B 39 -13.71 3.65 9.54
N ALA B 40 -14.77 3.32 8.81
CA ALA B 40 -15.41 4.24 7.88
C ALA B 40 -16.59 4.99 8.51
N SER B 41 -16.54 6.30 8.35
CA SER B 41 -17.36 7.21 9.12
C SER B 41 -18.11 8.13 8.19
N THR B 42 -19.34 8.43 8.56
CA THR B 42 -20.11 9.47 7.87
C THR B 42 -19.44 10.83 8.09
N PHE B 43 -19.63 11.74 7.13
CA PHE B 43 -18.91 13.02 7.13
C PHE B 43 -18.93 13.75 8.48
N VAL B 44 -20.11 13.78 9.13
CA VAL B 44 -20.31 14.53 10.38
C VAL B 44 -19.45 14.04 11.54
N HIS B 45 -19.07 12.76 11.50
CA HIS B 45 -18.30 12.17 12.58
C HIS B 45 -16.81 12.04 12.30
N LEU B 46 -16.38 12.49 11.13
CA LEU B 46 -14.96 12.38 10.73
C LEU B 46 -13.96 13.03 11.70
N ALA B 47 -14.28 14.26 12.13
CA ALA B 47 -13.43 15.03 13.03
C ALA B 47 -13.30 14.40 14.41
N MET B 48 -14.40 13.88 14.94
CA MET B 48 -14.38 13.16 16.21
C MET B 48 -13.52 11.90 16.06
N THR B 49 -13.86 11.11 15.05
CA THR B 49 -13.15 9.89 14.68
C THR B 49 -11.63 10.07 14.41
N LYS B 50 -11.22 11.21 13.83
CA LYS B 50 -9.81 11.52 13.57
CA LYS B 50 -9.79 11.45 13.59
C LYS B 50 -9.02 11.80 14.86
N GLU B 51 -9.62 12.59 15.72
CA GLU B 51 -8.91 12.92 16.93
C GLU B 51 -8.93 11.75 17.92
N ARG B 52 -9.95 10.91 17.83
CA ARG B 52 -10.15 9.85 18.83
C ARG B 52 -9.47 8.50 18.57
N LEU B 53 -9.44 8.08 17.31
CA LEU B 53 -8.80 6.81 16.92
C LEU B 53 -7.29 6.97 16.92
N SER B 54 -6.58 6.11 17.66
CA SER B 54 -5.11 6.19 17.69
C SER B 54 -4.35 4.86 17.45
N HIS B 55 -5.07 3.74 17.39
CA HIS B 55 -4.47 2.42 17.22
C HIS B 55 -3.57 2.30 15.96
N PRO B 56 -2.31 1.84 16.14
CA PRO B 56 -1.39 1.72 15.01
C PRO B 56 -1.93 0.96 13.79
N LYS B 57 -2.85 0.01 14.00
CA LYS B 57 -3.40 -0.84 12.92
C LYS B 57 -4.67 -0.29 12.23
N PHE B 58 -5.16 0.84 12.73
CA PHE B 58 -6.39 1.43 12.25
C PHE B 58 -6.10 2.67 11.43
N VAL B 59 -6.87 2.81 10.35
CA VAL B 59 -6.99 4.05 9.58
C VAL B 59 -8.46 4.47 9.59
N ILE B 60 -8.70 5.75 9.37
CA ILE B 60 -10.04 6.28 9.14
C ILE B 60 -10.39 6.28 7.64
N ALA B 61 -11.66 6.02 7.33
CA ALA B 61 -12.18 6.21 5.98
C ALA B 61 -13.41 7.11 5.96
N ALA B 62 -13.54 7.87 4.87
CA ALA B 62 -14.79 8.56 4.55
C ALA B 62 -15.73 7.59 3.79
N GLN B 63 -16.97 8.02 3.57
CA GLN B 63 -17.92 7.27 2.76
C GLN B 63 -18.49 8.16 1.62
N ASN B 64 -18.55 7.62 0.39
CA ASN B 64 -19.38 8.17 -0.71
C ASN B 64 -19.06 9.55 -1.29
N ALA B 65 -17.91 10.12 -0.93
CA ALA B 65 -17.47 11.38 -1.53
C ALA B 65 -17.34 11.17 -3.03
N GLY B 66 -17.86 12.10 -3.81
CA GLY B 66 -17.79 11.99 -5.25
C GLY B 66 -17.29 13.25 -5.94
N ASN B 67 -16.94 14.25 -5.15
CA ASN B 67 -16.57 15.54 -5.70
C ASN B 67 -15.07 15.72 -5.53
N ALA B 68 -14.39 16.10 -6.61
CA ALA B 68 -12.94 16.29 -6.60
C ALA B 68 -12.42 17.25 -5.52
N ASP B 69 -13.09 18.39 -5.36
CA ASP B 69 -12.75 19.35 -4.29
C ASP B 69 -12.97 18.73 -2.90
N ALA B 70 -14.05 17.97 -2.76
CA ALA B 70 -14.35 17.26 -1.52
C ALA B 70 -13.27 16.21 -1.19
N LEU B 71 -12.80 15.52 -2.22
CA LEU B 71 -11.73 14.53 -2.08
C LEU B 71 -10.37 15.17 -1.69
N ALA B 72 -10.08 16.35 -2.20
CA ALA B 72 -8.86 17.08 -1.84
C ALA B 72 -8.94 17.73 -0.47
N SER B 73 -10.12 18.18 -0.04
CA SER B 73 -10.32 18.53 1.37
C SER B 73 -10.05 17.34 2.28
N LEU B 74 -10.69 16.21 1.99
CA LEU B 74 -10.48 15.00 2.78
C LEU B 74 -9.01 14.55 2.80
N LYS B 75 -8.34 14.49 1.63
CA LYS B 75 -6.89 14.22 1.62
C LYS B 75 -6.09 15.18 2.49
N ASP B 76 -6.41 16.45 2.41
CA ASP B 76 -5.72 17.45 3.23
C ASP B 76 -6.04 17.28 4.71
N PHE B 77 -7.24 16.75 5.01
CA PHE B 77 -7.66 16.48 6.38
C PHE B 77 -6.98 15.25 6.99
N GLY B 78 -6.35 14.44 6.15
CA GLY B 78 -5.62 13.25 6.60
C GLY B 78 -6.41 11.97 6.45
N VAL B 79 -7.40 11.98 5.57
CA VAL B 79 -8.19 10.79 5.30
C VAL B 79 -7.70 10.25 3.96
N ASN B 80 -7.22 9.02 4.00
CA ASN B 80 -6.56 8.39 2.89
C ASN B 80 -7.36 7.20 2.33
N TRP B 81 -8.50 6.89 2.96
CA TRP B 81 -9.35 5.75 2.57
C TRP B 81 -10.78 6.22 2.36
N ILE B 82 -11.48 5.58 1.42
CA ILE B 82 -12.90 5.87 1.19
C ILE B 82 -13.65 4.57 0.90
N VAL B 83 -14.89 4.48 1.38
CA VAL B 83 -15.78 3.36 1.00
C VAL B 83 -16.85 3.87 0.07
N LEU B 84 -17.00 3.17 -1.06
CA LEU B 84 -17.92 3.60 -2.14
C LEU B 84 -18.83 2.48 -2.62
N GLY B 85 -19.91 2.89 -3.31
CA GLY B 85 -20.89 1.98 -3.94
C GLY B 85 -21.72 1.10 -3.03
N HIS B 86 -21.68 1.37 -1.72
CA HIS B 86 -22.42 0.60 -0.73
C HIS B 86 -23.90 0.61 -1.07
N SER B 87 -24.60 -0.48 -0.70
CA SER B 87 -25.94 -0.83 -1.18
C SER B 87 -26.96 0.30 -1.29
N GLU B 88 -27.22 1.01 -0.20
CA GLU B 88 -28.18 2.13 -0.23
C GLU B 88 -27.82 3.19 -1.27
N ARG B 89 -26.53 3.31 -1.63
CA ARG B 89 -26.13 4.22 -2.69
C ARG B 89 -26.89 3.89 -3.95
N ARG B 90 -27.09 2.59 -4.16
CA ARG B 90 -27.67 2.03 -5.36
C ARG B 90 -29.21 1.91 -5.36
N TRP B 91 -29.79 1.25 -4.36
CA TRP B 91 -31.26 1.04 -4.31
C TRP B 91 -32.07 2.21 -3.78
N TYR B 92 -31.45 3.11 -3.02
CA TYR B 92 -32.14 4.31 -2.56
C TYR B 92 -31.69 5.49 -3.37
N TYR B 93 -30.38 5.74 -3.39
CA TYR B 93 -29.82 6.97 -3.96
C TYR B 93 -29.72 7.01 -5.50
N GLY B 94 -29.88 5.84 -6.12
CA GLY B 94 -29.81 5.71 -7.57
C GLY B 94 -28.43 5.95 -8.15
N GLU B 95 -27.39 5.56 -7.39
CA GLU B 95 -26.05 5.50 -7.94
C GLU B 95 -25.94 4.28 -8.85
N THR B 96 -25.74 4.55 -10.14
CA THR B 96 -25.57 3.51 -11.14
C THR B 96 -24.15 2.93 -11.06
N ASN B 97 -23.95 1.82 -11.75
CA ASN B 97 -22.61 1.30 -12.00
C ASN B 97 -21.60 2.37 -12.36
N GLU B 98 -21.96 3.17 -13.36
CA GLU B 98 -21.16 4.28 -13.87
C GLU B 98 -20.77 5.26 -12.78
N ILE B 99 -21.74 5.71 -11.99
CA ILE B 99 -21.54 6.73 -10.95
C ILE B 99 -20.51 6.29 -9.90
N VAL B 100 -20.63 5.05 -9.46
CA VAL B 100 -19.72 4.49 -8.49
C VAL B 100 -18.31 4.40 -9.12
N ALA B 101 -18.27 4.03 -10.40
CA ALA B 101 -17.00 3.86 -11.11
C ALA B 101 -16.31 5.21 -11.30
N ASP B 102 -17.12 6.25 -11.51
CA ASP B 102 -16.61 7.61 -11.62
C ASP B 102 -16.04 8.05 -10.29
N LYS B 103 -16.74 7.65 -9.22
CA LYS B 103 -16.31 7.92 -7.87
C LYS B 103 -15.02 7.15 -7.49
N VAL B 104 -14.86 5.94 -8.00
CA VAL B 104 -13.66 5.14 -7.68
C VAL B 104 -12.46 5.79 -8.32
N ALA B 105 -12.65 6.19 -9.59
CA ALA B 105 -11.62 6.78 -10.44
C ALA B 105 -11.21 8.14 -9.91
N ALA B 106 -12.19 8.95 -9.51
CA ALA B 106 -11.92 10.25 -8.88
C ALA B 106 -11.18 10.15 -7.54
N ALA B 107 -11.48 9.12 -6.75
CA ALA B 107 -10.83 8.96 -5.47
C ALA B 107 -9.40 8.44 -5.59
N VAL B 108 -9.19 7.47 -6.48
CA VAL B 108 -7.83 6.98 -6.83
C VAL B 108 -6.91 8.09 -7.36
N ALA B 109 -7.44 8.93 -8.26
CA ALA B 109 -6.70 10.05 -8.85
C ALA B 109 -6.29 11.05 -7.78
N SER B 110 -7.17 11.21 -6.79
CA SER B 110 -6.92 12.07 -5.63
C SER B 110 -6.03 11.42 -4.56
N GLY B 111 -5.49 10.23 -4.82
CA GLY B 111 -4.57 9.59 -3.85
C GLY B 111 -5.21 8.76 -2.74
N PHE B 112 -6.41 8.27 -2.98
CA PHE B 112 -7.09 7.45 -1.96
C PHE B 112 -6.89 5.96 -2.18
N MET B 113 -6.87 5.21 -1.08
CA MET B 113 -7.24 3.80 -1.09
C MET B 113 -8.78 3.68 -1.12
N VAL B 114 -9.32 2.86 -2.04
CA VAL B 114 -10.77 2.76 -2.24
C VAL B 114 -11.30 1.36 -1.95
N ILE B 115 -12.28 1.25 -1.05
CA ILE B 115 -13.07 0.03 -0.94
C ILE B 115 -14.37 0.16 -1.75
N ALA B 116 -14.41 -0.53 -2.89
CA ALA B 116 -15.56 -0.48 -3.78
C ALA B 116 -16.48 -1.67 -3.45
N CYS B 117 -17.73 -1.38 -3.14
CA CYS B 117 -18.68 -2.42 -2.79
C CYS B 117 -19.52 -2.82 -3.98
N ILE B 118 -19.64 -4.13 -4.16
CA ILE B 118 -20.42 -4.70 -5.28
C ILE B 118 -21.18 -5.88 -4.70
N GLY B 119 -22.25 -6.32 -5.37
CA GLY B 119 -23.15 -7.35 -4.81
C GLY B 119 -24.50 -7.35 -5.54
N GLU B 120 -25.15 -8.52 -5.63
CA GLU B 120 -26.46 -8.66 -6.26
C GLU B 120 -27.55 -8.59 -5.19
N THR B 121 -28.79 -8.38 -5.62
CA THR B 121 -29.95 -8.37 -4.73
C THR B 121 -30.46 -9.81 -4.60
N LEU B 122 -31.46 -10.02 -3.74
CA LEU B 122 -32.11 -11.33 -3.60
C LEU B 122 -32.74 -11.81 -4.92
N GLN B 123 -33.51 -10.94 -5.56
CA GLN B 123 -34.13 -11.22 -6.86
C GLN B 123 -33.10 -11.70 -7.88
N GLU B 124 -32.01 -10.96 -7.99
CA GLU B 124 -30.91 -11.31 -8.88
C GLU B 124 -30.21 -12.64 -8.56
N ARG B 125 -29.92 -12.90 -7.29
CA ARG B 125 -29.47 -14.20 -6.79
C ARG B 125 -30.45 -15.36 -7.11
N GLU B 126 -31.72 -15.18 -6.78
CA GLU B 126 -32.70 -16.26 -6.91
C GLU B 126 -33.07 -16.52 -8.35
N SER B 127 -32.84 -15.54 -9.21
CA SER B 127 -33.11 -15.71 -10.63
C SER B 127 -31.87 -16.18 -11.40
N GLY B 128 -30.82 -16.57 -10.68
CA GLY B 128 -29.60 -17.05 -11.31
C GLY B 128 -28.69 -15.97 -11.90
N ARG B 129 -28.95 -14.71 -11.57
CA ARG B 129 -28.28 -13.61 -12.26
C ARG B 129 -27.03 -13.02 -11.55
N THR B 130 -26.61 -13.64 -10.45
CA THR B 130 -25.46 -13.23 -9.63
C THR B 130 -24.19 -12.88 -10.42
N ALA B 131 -23.74 -13.83 -11.23
CA ALA B 131 -22.47 -13.66 -11.96
C ALA B 131 -22.48 -12.48 -12.95
N VAL B 132 -23.55 -12.33 -13.73
CA VAL B 132 -23.64 -11.20 -14.69
C VAL B 132 -23.74 -9.84 -14.00
N VAL B 133 -24.46 -9.81 -12.88
CA VAL B 133 -24.62 -8.60 -12.08
C VAL B 133 -23.28 -8.14 -11.56
N VAL B 134 -22.55 -9.04 -10.91
CA VAL B 134 -21.32 -8.73 -10.19
C VAL B 134 -20.20 -8.37 -11.17
N LEU B 135 -20.18 -9.11 -12.28
CA LEU B 135 -19.16 -8.96 -13.31
C LEU B 135 -19.39 -7.67 -14.09
N THR B 136 -20.65 -7.22 -14.14
CA THR B 136 -21.00 -5.97 -14.83
C THR B 136 -20.57 -4.81 -13.94
N GLN B 137 -20.76 -4.97 -12.63
CA GLN B 137 -20.37 -3.94 -11.64
C GLN B 137 -18.89 -3.71 -11.60
N ILE B 138 -18.11 -4.79 -11.61
CA ILE B 138 -16.64 -4.64 -11.62
C ILE B 138 -16.07 -4.16 -12.95
N ALA B 139 -16.66 -4.61 -14.06
CA ALA B 139 -16.24 -4.17 -15.39
C ALA B 139 -16.49 -2.66 -15.62
N ALA B 140 -17.49 -2.12 -14.92
CA ALA B 140 -17.83 -0.68 -14.93
C ALA B 140 -16.71 0.07 -14.20
N ILE B 141 -16.30 -0.47 -13.05
CA ILE B 141 -15.16 0.07 -12.28
C ILE B 141 -13.83 -0.02 -13.03
N ALA B 142 -13.50 -1.22 -13.55
CA ALA B 142 -12.30 -1.43 -14.38
C ALA B 142 -12.25 -0.47 -15.54
N LYS B 143 -13.39 -0.26 -16.18
CA LYS B 143 -13.45 0.54 -17.39
C LYS B 143 -12.83 1.94 -17.18
N LYS B 144 -13.01 2.48 -15.97
CA LYS B 144 -12.60 3.85 -15.64
C LYS B 144 -11.21 3.93 -14.97
N LEU B 145 -10.53 2.79 -14.88
CA LEU B 145 -9.20 2.75 -14.29
C LEU B 145 -8.09 2.36 -15.29
N LYS B 146 -6.84 2.48 -14.83
CA LYS B 146 -5.67 1.94 -15.52
C LYS B 146 -5.16 0.79 -14.69
N LYS B 147 -4.16 0.08 -15.19
CA LYS B 147 -3.59 -1.06 -14.47
C LYS B 147 -2.92 -0.68 -13.15
N ALA B 148 -2.11 0.38 -13.15
CA ALA B 148 -1.41 0.79 -11.95
C ALA B 148 -2.35 1.24 -10.81
N ASP B 149 -3.62 1.48 -11.16
CA ASP B 149 -4.63 2.01 -10.23
C ASP B 149 -5.06 0.97 -9.19
N TRP B 150 -4.98 -0.30 -9.58
CA TRP B 150 -5.53 -1.40 -8.79
C TRP B 150 -4.79 -1.66 -7.52
N ALA B 151 -3.57 -1.10 -7.42
CA ALA B 151 -2.76 -1.13 -6.21
C ALA B 151 -3.47 -0.35 -5.12
N LYS B 152 -4.36 0.56 -5.55
CA LYS B 152 -5.11 1.44 -4.65
C LYS B 152 -6.55 0.97 -4.49
N VAL B 153 -6.87 -0.22 -4.99
CA VAL B 153 -8.25 -0.66 -5.02
C VAL B 153 -8.47 -1.88 -4.14
N VAL B 154 -9.63 -1.89 -3.46
CA VAL B 154 -10.07 -3.04 -2.72
C VAL B 154 -11.52 -3.26 -3.16
N ILE B 155 -11.89 -4.51 -3.38
CA ILE B 155 -13.27 -4.88 -3.71
C ILE B 155 -13.91 -5.58 -2.50
N ALA B 156 -15.14 -5.18 -2.17
CA ALA B 156 -15.93 -5.89 -1.17
C ALA B 156 -17.13 -6.52 -1.88
N TYR B 157 -17.21 -7.84 -1.81
CA TYR B 157 -18.40 -8.53 -2.28
C TYR B 157 -19.42 -8.47 -1.13
N GLU B 158 -20.52 -7.75 -1.35
CA GLU B 158 -21.58 -7.57 -0.36
C GLU B 158 -22.94 -7.85 -0.96
N PRO B 159 -23.40 -9.11 -0.90
CA PRO B 159 -24.73 -9.36 -1.45
C PRO B 159 -25.78 -8.59 -0.64
N VAL B 160 -26.69 -7.90 -1.32
CA VAL B 160 -27.69 -7.08 -0.61
C VAL B 160 -28.57 -7.91 0.35
N TRP B 161 -28.94 -9.11 -0.06
CA TRP B 161 -29.73 -10.02 0.79
C TRP B 161 -29.03 -10.40 2.09
N ALA B 162 -27.75 -10.07 2.20
CA ALA B 162 -26.98 -10.37 3.42
C ALA B 162 -26.80 -9.17 4.36
N ILE B 163 -27.20 -7.98 3.93
CA ILE B 163 -26.87 -6.78 4.69
C ILE B 163 -27.87 -6.57 5.82
N GLY B 164 -27.48 -6.91 7.05
CA GLY B 164 -28.33 -6.65 8.22
C GLY B 164 -29.52 -7.59 8.35
N THR B 165 -29.50 -8.69 7.60
CA THR B 165 -30.61 -9.64 7.62
C THR B 165 -30.27 -10.87 8.47
N GLY B 166 -29.01 -11.02 8.85
CA GLY B 166 -28.54 -12.25 9.49
C GLY B 166 -28.39 -13.44 8.54
N LYS B 167 -28.64 -13.21 7.25
CA LYS B 167 -28.50 -14.23 6.19
C LYS B 167 -27.12 -14.10 5.60
N VAL B 168 -26.14 -14.54 6.36
CA VAL B 168 -24.74 -14.51 5.94
C VAL B 168 -24.54 -15.43 4.73
N ALA B 169 -23.73 -15.01 3.75
CA ALA B 169 -23.34 -15.92 2.66
C ALA B 169 -22.56 -17.10 3.23
N THR B 170 -22.88 -18.31 2.80
CA THR B 170 -22.15 -19.49 3.27
C THR B 170 -20.69 -19.43 2.76
N PRO B 171 -19.78 -20.20 3.39
CA PRO B 171 -18.42 -20.30 2.84
C PRO B 171 -18.36 -20.55 1.33
N GLN B 172 -19.21 -21.45 0.80
CA GLN B 172 -19.28 -21.77 -0.64
C GLN B 172 -19.73 -20.61 -1.53
N GLN B 173 -20.78 -19.92 -1.10
CA GLN B 173 -21.27 -18.74 -1.81
C GLN B 173 -20.23 -17.65 -1.89
N ALA B 174 -19.59 -17.37 -0.75
CA ALA B 174 -18.60 -16.31 -0.67
C ALA B 174 -17.37 -16.71 -1.46
N GLN B 175 -16.87 -17.94 -1.26
CA GLN B 175 -15.73 -18.47 -2.08
C GLN B 175 -16.00 -18.38 -3.59
N GLU B 176 -17.14 -18.91 -4.01
CA GLU B 176 -17.57 -18.89 -5.42
C GLU B 176 -17.63 -17.48 -5.98
N ALA B 177 -18.30 -16.58 -5.29
CA ALA B 177 -18.41 -15.21 -5.78
C ALA B 177 -17.04 -14.54 -5.84
N HIS B 178 -16.23 -14.71 -4.80
CA HIS B 178 -14.83 -14.23 -4.76
C HIS B 178 -13.90 -14.80 -5.84
N ALA B 179 -13.98 -16.13 -6.08
CA ALA B 179 -13.19 -16.74 -7.17
C ALA B 179 -13.63 -16.22 -8.54
N LEU B 180 -14.91 -15.97 -8.71
CA LEU B 180 -15.44 -15.38 -9.93
C LEU B 180 -14.90 -13.96 -10.22
N ILE B 181 -14.84 -13.13 -9.20
CA ILE B 181 -14.37 -11.76 -9.33
C ILE B 181 -12.90 -11.76 -9.70
N ARG B 182 -12.14 -12.64 -9.05
CA ARG B 182 -10.69 -12.66 -9.18
C ARG B 182 -10.27 -13.22 -10.51
N SER B 183 -11.08 -14.15 -11.02
CA SER B 183 -10.89 -14.76 -12.32
C SER B 183 -11.07 -13.71 -13.40
N TRP B 184 -12.12 -12.93 -13.26
CA TRP B 184 -12.42 -11.83 -14.19
C TRP B 184 -11.29 -10.80 -14.26
N VAL B 185 -10.86 -10.33 -13.09
CA VAL B 185 -9.68 -9.44 -12.99
C VAL B 185 -8.41 -10.05 -13.63
N SER B 186 -8.15 -11.33 -13.34
CA SER B 186 -7.02 -12.02 -13.98
C SER B 186 -7.07 -11.94 -15.51
N SER B 187 -8.21 -12.28 -16.10
CA SER B 187 -8.38 -12.18 -17.55
C SER B 187 -8.37 -10.74 -18.07
N LYS B 188 -9.08 -9.83 -17.39
CA LYS B 188 -9.20 -8.44 -17.86
C LYS B 188 -8.02 -7.52 -17.52
N ILE B 189 -7.52 -7.54 -16.28
CA ILE B 189 -6.43 -6.65 -15.87
C ILE B 189 -5.04 -7.32 -15.95
N GLY B 190 -4.88 -8.45 -15.26
CA GLY B 190 -3.61 -9.17 -15.23
C GLY B 190 -3.62 -10.15 -14.07
N ALA B 191 -2.85 -11.23 -14.22
CA ALA B 191 -2.74 -12.29 -13.18
C ALA B 191 -2.05 -11.76 -11.94
N ASP B 192 -1.10 -10.86 -12.18
CA ASP B 192 -0.36 -10.17 -11.12
C ASP B 192 -1.28 -9.29 -10.23
N VAL B 193 -2.14 -8.48 -10.87
CA VAL B 193 -3.18 -7.69 -10.18
C VAL B 193 -4.19 -8.60 -9.44
N ALA B 194 -4.62 -9.66 -10.09
CA ALA B 194 -5.60 -10.57 -9.50
C ALA B 194 -5.12 -11.16 -8.16
N GLY B 195 -3.85 -11.54 -8.12
CA GLY B 195 -3.24 -12.19 -6.95
C GLY B 195 -3.03 -11.26 -5.77
N GLU B 196 -2.76 -9.98 -6.04
CA GLU B 196 -2.58 -8.97 -5.00
C GLU B 196 -3.88 -8.34 -4.52
N LEU B 197 -4.94 -8.39 -5.34
CA LEU B 197 -6.20 -7.71 -5.04
C LEU B 197 -6.84 -8.30 -3.78
N ARG B 198 -7.19 -7.44 -2.81
CA ARG B 198 -8.02 -7.83 -1.67
C ARG B 198 -9.49 -7.84 -2.07
N ILE B 199 -10.16 -8.98 -1.87
CA ILE B 199 -11.62 -9.10 -1.99
C ILE B 199 -12.19 -9.48 -0.62
N LEU B 200 -12.94 -8.54 -0.04
CA LEU B 200 -13.50 -8.68 1.29
C LEU B 200 -14.93 -9.14 1.16
N TYR B 201 -15.41 -9.87 2.16
CA TYR B 201 -16.78 -10.27 2.19
C TYR B 201 -17.52 -9.36 3.17
N GLY B 202 -18.77 -8.99 2.85
CA GLY B 202 -19.58 -8.20 3.78
C GLY B 202 -21.04 -8.61 3.77
N GLY B 203 -21.67 -8.56 4.92
CA GLY B 203 -23.09 -8.91 5.02
C GLY B 203 -23.32 -9.96 6.09
N SER B 204 -23.73 -9.49 7.28
CA SER B 204 -24.08 -10.36 8.39
C SER B 204 -22.87 -11.19 8.94
N VAL B 205 -21.66 -10.64 8.81
CA VAL B 205 -20.44 -11.25 9.37
C VAL B 205 -20.43 -10.96 10.88
N ASN B 206 -20.20 -12.00 11.67
CA ASN B 206 -19.96 -11.90 13.12
C ASN B 206 -18.67 -12.65 13.50
N GLY B 207 -18.44 -12.81 14.80
CA GLY B 207 -17.24 -13.47 15.33
C GLY B 207 -17.12 -14.96 15.04
N LYS B 208 -18.25 -15.66 15.11
CA LYS B 208 -18.38 -17.08 14.74
C LYS B 208 -18.03 -17.39 13.29
N ASN B 209 -18.82 -16.87 12.36
CA ASN B 209 -18.72 -17.18 10.94
C ASN B 209 -17.54 -16.54 10.20
N ALA B 210 -16.92 -15.52 10.82
CA ALA B 210 -15.81 -14.78 10.22
C ALA B 210 -14.58 -15.65 10.09
N ARG B 211 -14.36 -16.53 11.06
CA ARG B 211 -13.19 -17.43 11.02
C ARG B 211 -13.30 -18.42 9.87
N THR B 212 -14.48 -19.03 9.73
CA THR B 212 -14.66 -20.02 8.67
C THR B 212 -14.73 -19.42 7.28
N LEU B 213 -15.26 -18.20 7.17
CA LEU B 213 -15.27 -17.48 5.92
C LEU B 213 -13.84 -17.09 5.48
N TYR B 214 -12.99 -16.66 6.42
CA TYR B 214 -11.60 -16.27 6.10
C TYR B 214 -10.71 -17.45 5.67
N GLN B 215 -11.04 -18.68 6.08
CA GLN B 215 -10.29 -19.85 5.63
C GLN B 215 -10.42 -20.12 4.12
N GLN B 216 -11.41 -19.49 3.48
CA GLN B 216 -11.65 -19.68 2.05
C GLN B 216 -10.57 -18.99 1.21
N ARG B 217 -9.97 -19.75 0.30
CA ARG B 217 -8.98 -19.26 -0.66
C ARG B 217 -9.09 -17.80 -1.08
N ASP B 218 -10.29 -17.35 -1.46
CA ASP B 218 -10.38 -16.02 -2.11
C ASP B 218 -10.94 -14.89 -1.24
N VAL B 219 -10.97 -15.11 0.07
CA VAL B 219 -11.45 -14.14 1.03
C VAL B 219 -10.28 -13.45 1.73
N ASN B 220 -10.19 -12.12 1.59
CA ASN B 220 -9.06 -11.35 2.14
C ASN B 220 -9.45 -10.43 3.26
N GLY B 221 -10.63 -10.70 3.85
CA GLY B 221 -11.16 -9.92 4.94
C GLY B 221 -12.60 -9.55 4.81
N PHE B 222 -12.99 -8.54 5.58
CA PHE B 222 -14.40 -8.30 5.87
C PHE B 222 -14.78 -6.84 5.91
N LEU B 223 -16.03 -6.55 5.55
CA LEU B 223 -16.67 -5.27 5.84
C LEU B 223 -17.87 -5.58 6.71
N ALA B 224 -17.98 -4.89 7.86
CA ALA B 224 -19.07 -5.16 8.81
C ALA B 224 -19.48 -3.88 9.47
N GLY B 225 -20.59 -3.91 10.22
CA GLY B 225 -21.04 -2.77 11.00
C GLY B 225 -20.08 -2.44 12.14
N LEU B 226 -20.01 -1.17 12.47
CA LEU B 226 -19.25 -0.67 13.62
C LEU B 226 -19.94 -1.06 14.94
N LYS B 227 -19.59 -2.24 15.46
CA LYS B 227 -20.09 -2.71 16.75
C LYS B 227 -19.06 -3.49 17.55
N PRO B 228 -19.35 -3.83 18.81
CA PRO B 228 -18.37 -4.57 19.62
C PRO B 228 -17.80 -5.85 18.97
N GLU B 229 -18.66 -6.66 18.34
CA GLU B 229 -18.26 -7.92 17.68
C GLU B 229 -17.12 -7.74 16.67
N PHE B 230 -16.92 -6.51 16.20
CA PHE B 230 -15.93 -6.19 15.19
C PHE B 230 -14.51 -6.60 15.58
N VAL B 231 -14.24 -6.57 16.88
CA VAL B 231 -13.03 -7.08 17.51
C VAL B 231 -12.77 -8.54 17.13
N ASP B 232 -13.80 -9.37 17.25
CA ASP B 232 -13.72 -10.78 16.87
C ASP B 232 -13.55 -11.01 15.38
N ILE B 233 -14.17 -10.15 14.56
CA ILE B 233 -13.98 -10.15 13.10
C ILE B 233 -12.50 -9.86 12.70
N ILE B 234 -11.87 -8.85 13.34
CA ILE B 234 -10.45 -8.60 13.12
C ILE B 234 -9.65 -9.86 13.45
N LYS B 235 -9.86 -10.43 14.65
CA LYS B 235 -9.20 -11.68 15.06
C LYS B 235 -9.29 -12.82 14.03
N ALA B 236 -10.35 -12.81 13.24
CA ALA B 236 -10.60 -13.89 12.31
C ALA B 236 -9.80 -13.75 11.01
N THR B 237 -9.18 -12.60 10.79
CA THR B 237 -8.37 -12.41 9.56
C THR B 237 -6.96 -13.07 9.63
N GLN B 238 -6.93 -14.29 10.15
CA GLN B 238 -5.77 -15.17 10.13
C GLN B 238 -6.24 -16.62 10.01
P BBR C . 23.55 5.00 6.55
O1P BBR C . 22.21 5.50 7.07
O2P BBR C . 24.44 4.29 7.58
O3P BBR C . 24.37 6.01 5.78
O1 BBR C . 23.11 3.84 5.51
C1 BBR C . 22.58 4.15 4.21
C2 BBR C . 21.61 3.17 3.55
O3 BBR C . 21.24 1.96 4.17
C3 BBR C . 20.92 3.37 2.20
P BBR D . -24.12 -5.87 8.42
O1P BBR D . -25.04 -4.94 9.18
O2P BBR D . -22.80 -6.29 9.03
O3P BBR D . -24.84 -7.02 7.78
O1 BBR D . -23.72 -4.93 7.17
C1 BBR D . -22.42 -4.44 6.97
C2 BBR D . -22.16 -3.88 5.60
O3 BBR D . -23.00 -2.91 5.04
C3 BBR D . -21.04 -4.33 4.68
O TBU E . -2.26 -4.17 18.74
C TBU E . -1.03 -3.47 18.69
C1 TBU E . 0.09 -4.45 18.95
C2 TBU E . -0.82 -2.89 17.30
C3 TBU E . -1.08 -2.33 19.73
#